data_3BWL
#
_entry.id   3BWL
#
_cell.length_a   66.811
_cell.length_b   68.533
_cell.length_c   105.988
_cell.angle_alpha   90.000
_cell.angle_beta   90.000
_cell.angle_gamma   90.000
#
_symmetry.space_group_name_H-M   'P 21 21 21'
#
loop_
_entity.id
_entity.type
_entity.pdbx_description
1 polymer 'Sensor protein'
2 non-polymer 'MAGNESIUM ION'
3 non-polymer 1H-INDOLE-3-CARBALDEHYDE
4 water water
#
_entity_poly.entity_id   1
_entity_poly.type   'polypeptide(L)'
_entity_poly.pdbx_seq_one_letter_code
;SNAERKRREKRLEETSSRLEALFENSPD(MSE)IDVLDADGTICEVNQRFCAELGYDESEVLGRSIWEFDL(MSE)FDAE
DVQTQLSGFSVDERRKFEGLYERRDGST(MSE)SVEVHLLRFNLEGEDRFLAISRDIT
;
_entity_poly.pdbx_strand_id   A,B,C,D
#
loop_
_chem_comp.id
_chem_comp.type
_chem_comp.name
_chem_comp.formula
I3A non-polymer 1H-INDOLE-3-CARBALDEHYDE 'C9 H7 N O'
MG non-polymer 'MAGNESIUM ION' 'Mg 2'
#
# COMPACT_ATOMS: atom_id res chain seq x y z
N SER A 1 -24.62 14.39 -24.77
CA SER A 1 -23.58 15.36 -24.35
C SER A 1 -22.19 14.67 -24.33
N ASN A 2 -21.19 15.35 -24.90
CA ASN A 2 -19.80 14.90 -24.82
CA ASN A 2 -19.79 14.92 -24.83
C ASN A 2 -19.34 14.79 -23.38
N ALA A 3 -19.73 15.77 -22.57
CA ALA A 3 -19.36 15.75 -21.16
C ALA A 3 -20.01 14.55 -20.47
N GLU A 4 -21.27 14.26 -20.80
CA GLU A 4 -21.94 13.10 -20.18
C GLU A 4 -21.24 11.81 -20.65
N ARG A 5 -20.94 11.73 -21.93
CA ARG A 5 -20.23 10.57 -22.48
C ARG A 5 -18.91 10.33 -21.77
N LYS A 6 -18.13 11.39 -21.61
CA LYS A 6 -16.83 11.29 -20.92
C LYS A 6 -16.99 10.74 -19.49
N ARG A 7 -18.03 11.15 -18.79
CA ARG A 7 -18.25 10.65 -17.42
C ARG A 7 -18.54 9.14 -17.48
N ARG A 8 -19.36 8.71 -18.44
CA ARG A 8 -19.67 7.29 -18.58
C ARG A 8 -18.40 6.49 -18.85
N GLU A 9 -17.56 6.98 -19.77
CA GLU A 9 -16.29 6.29 -20.08
C GLU A 9 -15.40 6.20 -18.84
N LYS A 10 -15.34 7.29 -18.08
CA LYS A 10 -14.51 7.35 -16.88
C LYS A 10 -14.97 6.31 -15.87
N ARG A 11 -16.29 6.10 -15.77
CA ARG A 11 -16.81 5.17 -14.78
C ARG A 11 -16.42 3.77 -15.19
N LEU A 12 -16.55 3.48 -16.48
CA LEU A 12 -16.19 2.17 -17.04
C LEU A 12 -14.69 1.91 -16.83
N GLU A 13 -13.88 2.94 -17.04
CA GLU A 13 -12.42 2.83 -16.88
CA GLU A 13 -12.42 2.81 -16.87
C GLU A 13 -12.06 2.50 -15.43
N GLU A 14 -12.76 3.13 -14.50
CA GLU A 14 -12.45 2.96 -13.08
C GLU A 14 -12.82 1.55 -12.65
N THR A 15 -13.94 1.05 -13.16
CA THR A 15 -14.39 -0.30 -12.85
C THR A 15 -13.37 -1.31 -13.33
N SER A 16 -12.87 -1.12 -14.56
CA SER A 16 -11.91 -2.04 -15.16
C SER A 16 -10.60 -2.02 -14.36
N SER A 17 -10.20 -0.81 -13.98
CA SER A 17 -8.99 -0.62 -13.17
CA SER A 17 -9.02 -0.56 -13.14
C SER A 17 -9.14 -1.29 -11.80
N ARG A 18 -10.31 -1.20 -11.20
CA ARG A 18 -10.56 -1.84 -9.90
C ARG A 18 -10.43 -3.37 -10.01
N LEU A 19 -11.08 -3.93 -11.03
CA LEU A 19 -11.07 -5.40 -11.26
C LEU A 19 -9.66 -5.87 -11.58
N GLU A 20 -8.89 -5.05 -12.32
CA GLU A 20 -7.50 -5.33 -12.58
CA GLU A 20 -7.49 -5.35 -12.58
C GLU A 20 -6.70 -5.48 -11.28
N ALA A 21 -6.87 -4.50 -10.39
CA ALA A 21 -6.15 -4.53 -9.11
C ALA A 21 -6.54 -5.71 -8.20
N LEU A 22 -7.81 -6.10 -8.20
CA LEU A 22 -8.25 -7.28 -7.45
C LEU A 22 -7.51 -8.52 -8.00
N PHE A 23 -7.45 -8.64 -9.33
CA PHE A 23 -6.76 -9.78 -9.95
C PHE A 23 -5.27 -9.79 -9.57
N GLU A 24 -4.60 -8.66 -9.74
CA GLU A 24 -3.15 -8.64 -9.57
C GLU A 24 -2.73 -8.78 -8.09
N ASN A 25 -3.56 -8.24 -7.21
CA ASN A 25 -3.24 -8.18 -5.78
C ASN A 25 -3.73 -9.41 -5.00
N SER A 26 -4.54 -10.26 -5.66
CA SER A 26 -5.02 -11.52 -5.03
C SER A 26 -3.91 -12.11 -4.10
N PRO A 27 -4.22 -12.38 -2.79
CA PRO A 27 -3.15 -12.94 -1.93
C PRO A 27 -2.76 -14.35 -2.36
N ASP A 28 -3.65 -15.01 -3.13
CA ASP A 28 -3.34 -16.32 -3.71
C ASP A 28 -2.98 -16.20 -5.19
N MSE A 29 -2.17 -17.12 -5.66
CA MSE A 29 -1.67 -17.12 -7.05
C MSE A 29 -2.83 -17.49 -7.98
O MSE A 29 -3.65 -18.37 -7.62
CB MSE A 29 -0.58 -18.15 -7.20
CG MSE A 29 0.57 -17.93 -6.21
SE MSE A 29 1.72 -19.47 -6.05
CE MSE A 29 2.33 -19.61 -7.86
N ILE A 30 -2.88 -16.85 -9.16
CA ILE A 30 -3.88 -17.18 -10.16
C ILE A 30 -3.23 -17.46 -11.52
N ASP A 31 -3.62 -18.56 -12.18
CA ASP A 31 -3.23 -18.75 -13.55
C ASP A 31 -4.46 -19.23 -14.31
N VAL A 32 -4.44 -18.95 -15.61
CA VAL A 32 -5.47 -19.39 -16.55
C VAL A 32 -4.81 -20.31 -17.57
N LEU A 33 -5.39 -21.49 -17.78
CA LEU A 33 -4.82 -22.50 -18.70
C LEU A 33 -5.79 -22.77 -19.84
N ASP A 34 -5.26 -23.16 -20.98
CA ASP A 34 -6.14 -23.72 -22.00
C ASP A 34 -6.24 -25.23 -21.80
N ALA A 35 -7.01 -25.92 -22.65
CA ALA A 35 -7.30 -27.34 -22.41
C ALA A 35 -6.06 -28.24 -22.53
N ASP A 36 -5.00 -27.70 -23.12
CA ASP A 36 -3.73 -28.42 -23.27
C ASP A 36 -2.77 -28.16 -22.10
N GLY A 37 -3.15 -27.28 -21.19
CA GLY A 37 -2.29 -26.99 -20.04
C GLY A 37 -1.33 -25.85 -20.27
N THR A 38 -1.51 -25.15 -21.39
CA THR A 38 -0.70 -23.97 -21.71
C THR A 38 -1.20 -22.78 -20.88
N ILE A 39 -0.26 -22.05 -20.30
CA ILE A 39 -0.54 -20.92 -19.43
C ILE A 39 -0.88 -19.72 -20.29
N CYS A 40 -2.14 -19.27 -20.20
CA CYS A 40 -2.65 -18.19 -21.01
C CYS A 40 -2.56 -16.82 -20.31
N GLU A 41 -2.74 -16.81 -18.99
CA GLU A 41 -2.67 -15.59 -18.23
C GLU A 41 -2.23 -16.02 -16.82
N VAL A 42 -1.55 -15.09 -16.14
CA VAL A 42 -1.12 -15.24 -14.75
C VAL A 42 -1.22 -13.89 -14.06
N ASN A 43 -1.52 -13.89 -12.77
CA ASN A 43 -1.48 -12.63 -12.03
C ASN A 43 -0.08 -12.34 -11.47
N GLN A 44 0.12 -11.14 -10.97
CA GLN A 44 1.44 -10.74 -10.47
CA GLN A 44 1.40 -10.70 -10.43
C GLN A 44 1.84 -11.63 -9.30
N ARG A 45 0.86 -12.04 -8.48
CA ARG A 45 1.13 -12.91 -7.33
C ARG A 45 1.83 -14.23 -7.78
N PHE A 46 1.32 -14.84 -8.84
CA PHE A 46 1.91 -16.07 -9.38
C PHE A 46 3.39 -15.85 -9.71
N CYS A 47 3.67 -14.79 -10.46
CA CYS A 47 5.03 -14.47 -10.92
C CYS A 47 5.95 -14.16 -9.72
N ALA A 48 5.48 -13.30 -8.83
CA ALA A 48 6.24 -12.90 -7.65
C ALA A 48 6.56 -14.09 -6.74
N GLU A 49 5.55 -14.89 -6.42
CA GLU A 49 5.73 -16.05 -5.51
C GLU A 49 6.75 -17.04 -6.10
N LEU A 50 6.74 -17.24 -7.40
CA LEU A 50 7.68 -18.20 -8.04
C LEU A 50 9.00 -17.60 -8.50
N GLY A 51 9.10 -16.27 -8.44
CA GLY A 51 10.33 -15.53 -8.83
C GLY A 51 10.55 -15.35 -10.34
N TYR A 52 9.49 -15.48 -11.12
CA TYR A 52 9.61 -15.33 -12.58
C TYR A 52 8.98 -14.04 -13.07
N ASP A 53 9.49 -13.52 -14.19
CA ASP A 53 8.81 -12.45 -14.90
CA ASP A 53 8.81 -12.46 -14.89
C ASP A 53 7.71 -13.14 -15.70
N GLU A 54 6.62 -12.41 -15.94
CA GLU A 54 5.51 -12.91 -16.74
C GLU A 54 5.97 -13.50 -18.08
N SER A 55 6.95 -12.84 -18.71
CA SER A 55 7.48 -13.29 -20.00
C SER A 55 8.13 -14.68 -19.97
N GLU A 56 8.52 -15.12 -18.76
CA GLU A 56 9.15 -16.45 -18.54
C GLU A 56 8.11 -17.54 -18.25
N VAL A 57 6.84 -17.16 -18.16
CA VAL A 57 5.77 -18.07 -17.75
C VAL A 57 4.71 -18.22 -18.83
N LEU A 58 4.24 -17.10 -19.40
CA LEU A 58 3.21 -17.17 -20.44
C LEU A 58 3.64 -18.05 -21.61
N GLY A 59 2.75 -18.94 -22.02
CA GLY A 59 3.05 -19.78 -23.18
C GLY A 59 3.69 -21.07 -22.80
N ARG A 60 4.23 -21.15 -21.59
CA ARG A 60 4.76 -22.42 -21.07
CA ARG A 60 4.76 -22.42 -21.05
C ARG A 60 3.63 -23.34 -20.61
N SER A 61 3.96 -24.60 -20.37
CA SER A 61 2.96 -25.56 -19.90
C SER A 61 3.05 -25.67 -18.37
N ILE A 62 1.91 -25.89 -17.76
CA ILE A 62 1.90 -25.90 -16.28
C ILE A 62 2.76 -27.02 -15.65
N TRP A 63 2.92 -28.15 -16.35
CA TRP A 63 3.76 -29.23 -15.79
C TRP A 63 5.22 -28.82 -15.71
N GLU A 64 5.60 -27.71 -16.37
CA GLU A 64 7.00 -27.25 -16.28
C GLU A 64 7.29 -26.64 -14.90
N PHE A 65 6.22 -26.25 -14.19
CA PHE A 65 6.31 -25.56 -12.91
C PHE A 65 5.88 -26.44 -11.71
N ASP A 66 5.00 -27.41 -11.94
CA ASP A 66 4.50 -28.26 -10.86
C ASP A 66 5.24 -29.59 -10.88
N LEU A 67 6.11 -29.78 -9.89
CA LEU A 67 6.90 -31.02 -9.74
C LEU A 67 6.12 -32.27 -9.46
N MSE A 68 4.84 -32.14 -9.14
CA MSE A 68 3.99 -33.26 -8.81
C MSE A 68 3.19 -33.78 -10.03
O MSE A 68 2.47 -34.78 -9.90
CB MSE A 68 3.06 -32.89 -7.66
CG MSE A 68 2.72 -34.04 -6.76
SE MSE A 68 1.68 -33.38 -5.24
CE MSE A 68 3.09 -33.06 -3.99
N PHE A 69 3.33 -33.13 -11.19
CA PHE A 69 2.55 -33.51 -12.41
C PHE A 69 3.43 -33.46 -13.63
N ASP A 70 3.51 -34.57 -14.37
CA ASP A 70 4.14 -34.49 -15.70
C ASP A 70 3.09 -34.14 -16.76
N ALA A 71 3.49 -34.10 -18.02
CA ALA A 71 2.54 -33.65 -19.06
C ALA A 71 1.31 -34.55 -19.09
N GLU A 72 1.55 -35.87 -19.02
CA GLU A 72 0.46 -36.83 -19.00
C GLU A 72 -0.47 -36.64 -17.78
N ASP A 73 0.11 -36.35 -16.61
CA ASP A 73 -0.71 -36.11 -15.42
C ASP A 73 -1.62 -34.92 -15.60
N VAL A 74 -1.06 -33.84 -16.17
CA VAL A 74 -1.85 -32.63 -16.43
C VAL A 74 -2.97 -32.90 -17.44
N GLN A 75 -2.63 -33.55 -18.55
CA GLN A 75 -3.61 -33.86 -19.61
CA GLN A 75 -3.65 -33.78 -19.57
C GLN A 75 -4.79 -34.64 -19.04
N THR A 76 -4.48 -35.67 -18.27
CA THR A 76 -5.50 -36.52 -17.63
C THR A 76 -6.34 -35.71 -16.64
N GLN A 77 -5.68 -34.91 -15.80
CA GLN A 77 -6.43 -34.06 -14.86
C GLN A 77 -7.45 -33.17 -15.58
N LEU A 78 -6.99 -32.44 -16.59
CA LEU A 78 -7.85 -31.42 -17.27
C LEU A 78 -8.99 -32.07 -18.07
N SER A 79 -8.69 -33.18 -18.74
CA SER A 79 -9.70 -33.83 -19.60
CA SER A 79 -9.67 -33.90 -19.58
C SER A 79 -10.88 -34.39 -18.79
N GLY A 80 -10.68 -34.67 -17.49
CA GLY A 80 -11.73 -35.21 -16.64
C GLY A 80 -12.77 -34.16 -16.18
N PHE A 81 -12.44 -32.88 -16.29
CA PHE A 81 -13.37 -31.78 -15.87
C PHE A 81 -14.55 -31.56 -16.81
N SER A 82 -15.75 -31.52 -16.23
CA SER A 82 -16.91 -30.99 -16.92
C SER A 82 -16.88 -29.46 -16.84
N VAL A 83 -17.53 -28.79 -17.80
CA VAL A 83 -17.64 -27.33 -17.71
C VAL A 83 -18.30 -26.97 -16.37
N ASP A 84 -17.70 -25.97 -15.70
CA ASP A 84 -18.12 -25.43 -14.38
C ASP A 84 -17.77 -26.29 -13.17
N GLU A 85 -17.11 -27.42 -13.41
CA GLU A 85 -16.62 -28.31 -12.37
C GLU A 85 -15.42 -27.69 -11.69
N ARG A 86 -15.36 -27.85 -10.37
CA ARG A 86 -14.22 -27.42 -9.54
C ARG A 86 -13.68 -28.61 -8.78
N ARG A 87 -12.36 -28.64 -8.60
CA ARG A 87 -11.67 -29.64 -7.80
C ARG A 87 -10.53 -29.00 -7.04
N LYS A 88 -10.25 -29.50 -5.83
CA LYS A 88 -9.07 -29.12 -5.07
C LYS A 88 -8.07 -30.29 -5.01
N PHE A 89 -6.80 -30.00 -5.21
CA PHE A 89 -5.77 -31.03 -5.17
C PHE A 89 -4.43 -30.38 -4.87
N GLU A 90 -3.47 -31.22 -4.48
CA GLU A 90 -2.17 -30.73 -4.09
C GLU A 90 -1.21 -30.66 -5.28
N GLY A 91 -0.38 -29.64 -5.28
CA GLY A 91 0.72 -29.53 -6.24
C GLY A 91 1.96 -29.06 -5.52
N LEU A 92 3.05 -28.96 -6.25
CA LEU A 92 4.33 -28.56 -5.66
C LEU A 92 5.11 -27.71 -6.67
N TYR A 93 5.00 -26.39 -6.54
CA TYR A 93 5.67 -25.51 -7.48
C TYR A 93 7.16 -25.44 -7.23
N GLU A 94 7.91 -25.34 -8.31
CA GLU A 94 9.35 -25.10 -8.26
CA GLU A 94 9.35 -25.10 -8.25
C GLU A 94 9.59 -23.65 -8.62
N ARG A 95 10.17 -22.92 -7.67
CA ARG A 95 10.54 -21.54 -7.91
C ARG A 95 11.77 -21.42 -8.84
N ARG A 96 11.98 -20.22 -9.38
CA ARG A 96 13.16 -19.99 -10.22
C ARG A 96 14.46 -20.40 -9.55
N ASP A 97 14.57 -20.09 -8.26
CA ASP A 97 15.76 -20.41 -7.48
C ASP A 97 15.87 -21.87 -7.02
N GLY A 98 14.88 -22.71 -7.39
CA GLY A 98 14.92 -24.13 -7.10
C GLY A 98 14.28 -24.55 -5.80
N SER A 99 13.90 -23.58 -4.99
CA SER A 99 13.12 -23.91 -3.78
C SER A 99 11.73 -24.40 -4.22
N THR A 100 11.01 -25.02 -3.29
CA THR A 100 9.68 -25.53 -3.68
C THR A 100 8.61 -24.98 -2.77
N MSE A 101 7.39 -24.99 -3.29
CA MSE A 101 6.26 -24.44 -2.59
C MSE A 101 5.11 -25.43 -2.67
O MSE A 101 4.60 -25.63 -3.74
CB MSE A 101 5.83 -23.13 -3.27
CG MSE A 101 4.67 -22.50 -2.54
SE MSE A 101 3.97 -21.02 -3.64
CE MSE A 101 5.57 -20.29 -4.02
N SER A 102 4.72 -26.04 -1.56
CA SER A 102 3.53 -26.89 -1.56
CA SER A 102 3.53 -26.90 -1.52
C SER A 102 2.28 -26.04 -1.64
N VAL A 103 1.35 -26.44 -2.53
CA VAL A 103 0.13 -25.65 -2.71
C VAL A 103 -1.08 -26.56 -2.77
N GLU A 104 -2.21 -25.99 -2.41
CA GLU A 104 -3.48 -26.58 -2.80
C GLU A 104 -4.05 -25.74 -3.91
N VAL A 105 -4.29 -26.40 -5.04
CA VAL A 105 -4.84 -25.74 -6.22
C VAL A 105 -6.34 -25.93 -6.23
N HIS A 106 -7.08 -24.84 -6.36
CA HIS A 106 -8.54 -24.96 -6.60
C HIS A 106 -8.74 -24.64 -8.07
N LEU A 107 -9.13 -25.67 -8.86
CA LEU A 107 -9.17 -25.54 -10.28
C LEU A 107 -10.62 -25.57 -10.79
N LEU A 108 -10.90 -24.71 -11.75
CA LEU A 108 -12.24 -24.57 -12.35
C LEU A 108 -12.15 -24.69 -13.86
N ARG A 109 -13.03 -25.47 -14.50
CA ARG A 109 -13.15 -25.43 -15.95
CA ARG A 109 -13.15 -25.42 -15.95
C ARG A 109 -14.34 -24.51 -16.22
N PHE A 110 -14.18 -23.55 -17.13
CA PHE A 110 -15.30 -22.63 -17.42
C PHE A 110 -15.14 -21.97 -18.75
N ASN A 111 -16.20 -21.30 -19.19
CA ASN A 111 -16.19 -20.64 -20.47
C ASN A 111 -15.78 -19.21 -20.22
N LEU A 112 -14.61 -18.85 -20.72
CA LEU A 112 -14.09 -17.51 -20.51
C LEU A 112 -14.12 -16.73 -21.83
N GLU A 113 -15.07 -15.81 -21.91
CA GLU A 113 -15.29 -15.00 -23.14
C GLU A 113 -15.29 -15.90 -24.38
N GLY A 114 -16.13 -16.95 -24.34
CA GLY A 114 -16.24 -17.88 -25.45
C GLY A 114 -15.24 -19.04 -25.58
N GLU A 115 -14.19 -19.02 -24.74
CA GLU A 115 -13.08 -19.97 -24.84
C GLU A 115 -13.13 -21.00 -23.72
N ASP A 116 -12.66 -22.22 -24.03
CA ASP A 116 -12.63 -23.30 -23.06
C ASP A 116 -11.38 -23.05 -22.21
N ARG A 117 -11.56 -22.67 -20.96
CA ARG A 117 -10.39 -22.32 -20.12
C ARG A 117 -10.47 -22.95 -18.75
N PHE A 118 -9.33 -22.98 -18.05
CA PHE A 118 -9.27 -23.39 -16.66
C PHE A 118 -8.71 -22.23 -15.84
N LEU A 119 -9.30 -21.99 -14.68
CA LEU A 119 -8.86 -20.94 -13.76
C LEU A 119 -8.40 -21.66 -12.51
N ALA A 120 -7.16 -21.41 -12.12
CA ALA A 120 -6.51 -22.09 -10.99
C ALA A 120 -6.10 -21.07 -9.94
N ILE A 121 -6.62 -21.26 -8.74
CA ILE A 121 -6.20 -20.45 -7.60
C ILE A 121 -5.34 -21.35 -6.69
N SER A 122 -4.07 -21.02 -6.56
CA SER A 122 -3.12 -21.82 -5.76
C SER A 122 -2.83 -21.16 -4.42
N ARG A 123 -3.04 -21.92 -3.35
CA ARG A 123 -2.82 -21.45 -2.00
C ARG A 123 -1.60 -22.15 -1.38
N ASP A 124 -0.63 -21.38 -0.93
CA ASP A 124 0.55 -21.91 -0.25
C ASP A 124 0.11 -22.67 1.02
N ILE A 125 0.53 -23.91 1.11
CA ILE A 125 0.24 -24.72 2.28
C ILE A 125 1.54 -25.11 3.01
N ALA B 3 -13.97 7.12 -34.72
CA ALA B 3 -13.36 5.76 -34.81
C ALA B 3 -12.39 5.49 -33.66
N GLU B 4 -11.53 6.45 -33.32
CA GLU B 4 -10.65 6.29 -32.17
CA GLU B 4 -10.64 6.32 -32.15
C GLU B 4 -11.46 6.18 -30.87
N ARG B 5 -12.53 6.97 -30.77
CA ARG B 5 -13.40 6.94 -29.60
C ARG B 5 -14.07 5.58 -29.43
N LYS B 6 -14.75 5.11 -30.49
CA LYS B 6 -15.42 3.80 -30.44
C LYS B 6 -14.47 2.62 -30.22
N ARG B 7 -13.28 2.69 -30.81
CA ARG B 7 -12.22 1.69 -30.60
C ARG B 7 -11.84 1.59 -29.14
N ARG B 8 -11.58 2.75 -28.54
CA ARG B 8 -11.15 2.85 -27.14
C ARG B 8 -12.24 2.27 -26.22
N GLU B 9 -13.49 2.65 -26.51
CA GLU B 9 -14.64 2.16 -25.77
C GLU B 9 -14.80 0.62 -25.90
N LYS B 10 -14.73 0.10 -27.11
CA LYS B 10 -14.88 -1.34 -27.38
C LYS B 10 -13.79 -2.19 -26.70
N ARG B 11 -12.54 -1.77 -26.83
CA ARG B 11 -11.43 -2.49 -26.19
C ARG B 11 -11.51 -2.37 -24.67
N LEU B 12 -12.02 -1.25 -24.17
CA LEU B 12 -12.14 -1.08 -22.73
C LEU B 12 -13.19 -2.07 -22.20
N GLU B 13 -14.30 -2.22 -22.94
CA GLU B 13 -15.35 -3.21 -22.61
C GLU B 13 -14.80 -4.65 -22.58
N GLU B 14 -13.97 -4.99 -23.56
CA GLU B 14 -13.49 -6.36 -23.72
C GLU B 14 -12.57 -6.73 -22.56
N THR B 15 -11.64 -5.84 -22.25
CA THR B 15 -10.75 -5.97 -21.08
C THR B 15 -11.52 -6.10 -19.76
N SER B 16 -12.43 -5.15 -19.53
CA SER B 16 -13.28 -5.16 -18.34
C SER B 16 -14.09 -6.44 -18.22
N SER B 17 -14.68 -6.90 -19.33
CA SER B 17 -15.52 -8.08 -19.31
C SER B 17 -14.75 -9.34 -18.89
N ARG B 18 -13.53 -9.47 -19.41
CA ARG B 18 -12.68 -10.61 -19.09
C ARG B 18 -12.29 -10.58 -17.60
N LEU B 19 -11.93 -9.40 -17.11
CA LEU B 19 -11.52 -9.26 -15.70
C LEU B 19 -12.72 -9.52 -14.80
N GLU B 20 -13.89 -9.08 -15.23
CA GLU B 20 -15.12 -9.32 -14.47
C GLU B 20 -15.42 -10.83 -14.37
N ALA B 21 -15.33 -11.54 -15.49
CA ALA B 21 -15.52 -13.00 -15.47
C ALA B 21 -14.51 -13.73 -14.57
N LEU B 22 -13.25 -13.30 -14.60
CA LEU B 22 -12.23 -13.91 -13.75
C LEU B 22 -12.56 -13.72 -12.26
N PHE B 23 -13.11 -12.56 -11.92
CA PHE B 23 -13.45 -12.25 -10.51
C PHE B 23 -14.73 -13.02 -10.11
N GLU B 24 -15.78 -12.85 -10.90
CA GLU B 24 -17.07 -13.41 -10.49
C GLU B 24 -17.08 -14.93 -10.45
N ASN B 25 -16.29 -15.56 -11.33
CA ASN B 25 -16.28 -17.02 -11.45
C ASN B 25 -15.15 -17.71 -10.68
N SER B 26 -14.32 -16.94 -10.00
CA SER B 26 -13.26 -17.56 -9.26
C SER B 26 -13.84 -18.75 -8.47
N PRO B 27 -13.11 -19.90 -8.43
CA PRO B 27 -13.65 -21.02 -7.62
C PRO B 27 -13.69 -20.72 -6.10
N ASP B 28 -12.91 -19.73 -5.67
CA ASP B 28 -12.89 -19.29 -4.26
C ASP B 28 -13.77 -18.06 -4.04
N MSE B 29 -14.18 -17.87 -2.79
CA MSE B 29 -15.00 -16.72 -2.39
C MSE B 29 -14.11 -15.51 -2.21
O MSE B 29 -13.05 -15.64 -1.61
CB MSE B 29 -15.72 -17.05 -1.08
CG MSE B 29 -16.60 -18.31 -1.21
SE MSE B 29 -17.05 -18.91 0.59
CE MSE B 29 -18.28 -17.57 1.11
N ILE B 30 -14.52 -14.32 -2.67
CA ILE B 30 -13.65 -13.13 -2.57
C ILE B 30 -14.50 -11.98 -2.02
N ASP B 31 -13.97 -11.31 -1.02
CA ASP B 31 -14.62 -10.06 -0.57
C ASP B 31 -13.54 -9.00 -0.33
N VAL B 32 -13.99 -7.74 -0.37
CA VAL B 32 -13.13 -6.59 -0.09
C VAL B 32 -13.76 -5.81 1.05
N LEU B 33 -12.93 -5.41 2.05
CA LEU B 33 -13.44 -4.64 3.19
C LEU B 33 -12.76 -3.30 3.26
N ASP B 34 -13.45 -2.33 3.87
CA ASP B 34 -12.74 -1.12 4.33
C ASP B 34 -12.27 -1.31 5.77
N ALA B 35 -11.62 -0.29 6.31
CA ALA B 35 -11.02 -0.37 7.64
C ALA B 35 -12.08 -0.55 8.75
N ASP B 36 -13.33 -0.18 8.45
CA ASP B 36 -14.48 -0.36 9.35
CA ASP B 36 -14.44 -0.39 9.39
C ASP B 36 -15.09 -1.77 9.30
N GLY B 37 -14.56 -2.63 8.44
CA GLY B 37 -15.12 -3.98 8.30
C GLY B 37 -16.33 -4.04 7.38
N THR B 38 -16.60 -2.95 6.67
CA THR B 38 -17.72 -2.90 5.74
C THR B 38 -17.36 -3.57 4.45
N ILE B 39 -18.28 -4.38 3.92
CA ILE B 39 -18.04 -5.11 2.66
C ILE B 39 -18.23 -4.14 1.48
N CYS B 40 -17.13 -3.90 0.75
CA CYS B 40 -17.13 -2.97 -0.36
C CYS B 40 -17.38 -3.67 -1.70
N GLU B 41 -17.00 -4.94 -1.76
CA GLU B 41 -17.15 -5.74 -2.98
C GLU B 41 -17.17 -7.19 -2.59
N VAL B 42 -17.89 -7.99 -3.40
CA VAL B 42 -17.98 -9.45 -3.19
CA VAL B 42 -17.96 -9.42 -3.18
C VAL B 42 -18.19 -10.08 -4.55
N ASN B 43 -17.54 -11.25 -4.78
CA ASN B 43 -17.78 -11.93 -6.04
C ASN B 43 -19.04 -12.79 -5.96
N GLN B 44 -19.50 -13.24 -7.11
CA GLN B 44 -20.70 -14.05 -7.12
CA GLN B 44 -20.67 -14.12 -7.23
C GLN B 44 -20.47 -15.38 -6.41
N ARG B 45 -19.23 -15.90 -6.43
CA ARG B 45 -18.91 -17.14 -5.72
C ARG B 45 -19.21 -17.01 -4.20
N PHE B 46 -18.82 -15.91 -3.59
CA PHE B 46 -19.10 -15.66 -2.17
C PHE B 46 -20.62 -15.71 -1.91
N CYS B 47 -21.39 -14.98 -2.73
CA CYS B 47 -22.86 -14.91 -2.57
C CYS B 47 -23.52 -16.28 -2.76
N ALA B 48 -23.15 -16.99 -3.82
CA ALA B 48 -23.72 -18.30 -4.11
C ALA B 48 -23.41 -19.35 -3.04
N GLU B 49 -22.17 -19.36 -2.51
CA GLU B 49 -21.78 -20.32 -1.49
C GLU B 49 -22.55 -20.09 -0.20
N LEU B 50 -22.94 -18.84 0.07
CA LEU B 50 -23.63 -18.53 1.33
C LEU B 50 -25.13 -18.38 1.16
N GLY B 51 -25.58 -18.45 -0.09
CA GLY B 51 -27.03 -18.39 -0.38
C GLY B 51 -27.59 -16.98 -0.30
N TYR B 52 -26.73 -15.96 -0.39
CA TYR B 52 -27.20 -14.57 -0.37
C TYR B 52 -27.20 -13.91 -1.76
N ASP B 53 -28.13 -12.98 -2.01
CA ASP B 53 -27.99 -12.03 -3.11
C ASP B 53 -26.91 -11.01 -2.74
N GLU B 54 -26.14 -10.55 -3.72
CA GLU B 54 -25.15 -9.49 -3.41
C GLU B 54 -25.73 -8.23 -2.71
N SER B 55 -27.02 -7.94 -2.95
CA SER B 55 -27.69 -6.83 -2.28
C SER B 55 -27.88 -7.06 -0.78
N GLU B 56 -27.78 -8.33 -0.33
CA GLU B 56 -27.89 -8.68 1.10
C GLU B 56 -26.49 -8.73 1.77
N VAL B 57 -25.43 -8.52 0.98
CA VAL B 57 -24.06 -8.63 1.44
C VAL B 57 -23.29 -7.30 1.35
N LEU B 58 -23.32 -6.66 0.17
CA LEU B 58 -22.61 -5.38 -0.04
C LEU B 58 -23.07 -4.35 0.97
N GLY B 59 -22.13 -3.63 1.56
CA GLY B 59 -22.46 -2.57 2.52
C GLY B 59 -22.70 -3.08 3.95
N ARG B 60 -22.85 -4.39 4.11
CA ARG B 60 -23.02 -4.97 5.42
CA ARG B 60 -23.03 -5.03 5.41
C ARG B 60 -21.65 -5.16 6.05
N SER B 61 -21.60 -5.52 7.33
CA SER B 61 -20.32 -5.70 8.00
C SER B 61 -19.90 -7.16 8.05
N ILE B 62 -18.60 -7.44 7.97
CA ILE B 62 -18.20 -8.83 7.80
C ILE B 62 -18.53 -9.71 9.05
N TRP B 63 -18.54 -9.10 10.24
CA TRP B 63 -18.90 -9.86 11.45
C TRP B 63 -20.34 -10.38 11.42
N GLU B 64 -21.18 -9.83 10.55
CA GLU B 64 -22.56 -10.33 10.43
C GLU B 64 -22.55 -11.72 9.79
N PHE B 65 -21.46 -12.07 9.13
CA PHE B 65 -21.39 -13.32 8.40
C PHE B 65 -20.48 -14.36 9.01
N ASP B 66 -19.48 -13.94 9.78
CA ASP B 66 -18.55 -14.89 10.35
C ASP B 66 -18.88 -15.08 11.82
N LEU B 67 -19.36 -16.27 12.14
CA LEU B 67 -19.75 -16.62 13.52
C LEU B 67 -18.57 -16.60 14.49
N MSE B 68 -17.35 -16.68 13.97
CA MSE B 68 -16.16 -16.70 14.84
C MSE B 68 -15.66 -15.31 15.24
O MSE B 68 -14.78 -15.20 16.09
CB MSE B 68 -15.03 -17.51 14.23
CG MSE B 68 -15.30 -19.01 14.28
SE MSE B 68 -13.82 -19.99 13.46
CE MSE B 68 -12.35 -19.40 14.62
N PHE B 69 -16.20 -14.26 14.61
CA PHE B 69 -15.74 -12.90 14.89
C PHE B 69 -16.88 -11.96 15.16
N ASP B 70 -16.87 -11.29 16.30
CA ASP B 70 -17.76 -10.19 16.49
C ASP B 70 -17.13 -8.85 15.99
N ALA B 71 -17.86 -7.75 16.14
CA ALA B 71 -17.40 -6.47 15.61
C ALA B 71 -16.05 -6.07 16.15
N GLU B 72 -15.86 -6.20 17.46
CA GLU B 72 -14.57 -5.92 18.10
CA GLU B 72 -14.56 -5.89 18.05
C GLU B 72 -13.45 -6.83 17.57
N ASP B 73 -13.76 -8.12 17.41
CA ASP B 73 -12.83 -9.13 16.87
C ASP B 73 -12.31 -8.70 15.48
N VAL B 74 -13.23 -8.25 14.64
CA VAL B 74 -12.89 -7.83 13.28
C VAL B 74 -12.04 -6.56 13.33
N GLN B 75 -12.44 -5.58 14.16
CA GLN B 75 -11.66 -4.34 14.34
CA GLN B 75 -11.64 -4.35 14.25
C GLN B 75 -10.23 -4.72 14.73
N THR B 76 -10.12 -5.60 15.73
CA THR B 76 -8.78 -5.99 16.23
C THR B 76 -7.96 -6.66 15.11
N GLN B 77 -8.60 -7.56 14.37
CA GLN B 77 -7.93 -8.25 13.28
C GLN B 77 -7.39 -7.29 12.23
N LEU B 78 -8.25 -6.41 11.75
CA LEU B 78 -7.88 -5.49 10.65
C LEU B 78 -6.78 -4.50 11.08
N SER B 79 -6.91 -3.98 12.30
CA SER B 79 -6.04 -2.91 12.82
CA SER B 79 -6.04 -2.89 12.79
C SER B 79 -4.59 -3.32 12.88
N GLY B 80 -4.34 -4.60 13.12
CA GLY B 80 -2.97 -5.04 13.29
C GLY B 80 -2.19 -5.20 11.98
N PHE B 81 -2.87 -5.17 10.82
CA PHE B 81 -2.18 -5.41 9.55
C PHE B 81 -1.33 -4.25 9.08
N SER B 82 -0.13 -4.52 8.60
CA SER B 82 0.64 -3.56 7.82
CA SER B 82 0.60 -3.52 7.84
C SER B 82 0.21 -3.59 6.37
N VAL B 83 0.42 -2.48 5.64
CA VAL B 83 0.17 -2.52 4.19
C VAL B 83 0.96 -3.65 3.52
N ASP B 84 0.27 -4.40 2.66
CA ASP B 84 0.79 -5.58 1.93
C ASP B 84 1.01 -6.82 2.78
N GLU B 85 0.68 -6.77 4.08
CA GLU B 85 0.76 -7.96 4.92
C GLU B 85 -0.38 -8.95 4.56
N ARG B 86 -0.08 -10.24 4.63
CA ARG B 86 -1.07 -11.29 4.42
C ARG B 86 -1.12 -12.18 5.63
N ARG B 87 -2.29 -12.69 5.94
CA ARG B 87 -2.42 -13.69 7.00
C ARG B 87 -3.50 -14.70 6.63
N LYS B 88 -3.38 -15.92 7.18
CA LYS B 88 -4.40 -16.96 6.99
CA LYS B 88 -4.40 -16.94 7.01
C LYS B 88 -5.02 -17.30 8.35
N PHE B 89 -6.34 -17.49 8.38
CA PHE B 89 -7.00 -17.87 9.62
C PHE B 89 -8.33 -18.54 9.31
N GLU B 90 -8.87 -19.25 10.32
CA GLU B 90 -10.16 -19.93 10.17
C GLU B 90 -11.34 -19.00 10.43
N GLY B 91 -12.40 -19.19 9.65
CA GLY B 91 -13.63 -18.45 9.84
C GLY B 91 -14.73 -19.46 9.77
N LEU B 92 -15.95 -19.03 10.08
CA LEU B 92 -17.10 -19.90 10.06
C LEU B 92 -18.27 -19.08 9.55
N TYR B 93 -18.56 -19.17 8.26
CA TYR B 93 -19.62 -18.33 7.71
C TYR B 93 -20.97 -18.95 8.00
N GLU B 94 -21.95 -18.07 8.21
CA GLU B 94 -23.31 -18.49 8.38
C GLU B 94 -24.05 -18.20 7.07
N ARG B 95 -24.57 -19.26 6.47
CA ARG B 95 -25.38 -19.14 5.25
C ARG B 95 -26.73 -18.50 5.56
N ARG B 96 -27.40 -18.07 4.50
CA ARG B 96 -28.71 -17.47 4.64
C ARG B 96 -29.67 -18.43 5.35
N ASP B 97 -29.51 -19.73 5.11
CA ASP B 97 -30.41 -20.73 5.72
C ASP B 97 -30.01 -21.18 7.13
N GLY B 98 -28.96 -20.58 7.67
CA GLY B 98 -28.53 -20.90 9.03
C GLY B 98 -27.50 -21.98 9.13
N SER B 99 -27.22 -22.68 8.01
CA SER B 99 -26.19 -23.69 7.97
C SER B 99 -24.85 -22.96 7.97
N THR B 100 -23.78 -23.69 8.24
CA THR B 100 -22.49 -23.03 8.37
C THR B 100 -21.47 -23.61 7.42
N MSE B 101 -20.42 -22.83 7.19
CA MSE B 101 -19.32 -23.19 6.31
C MSE B 101 -17.97 -22.82 6.95
O MSE B 101 -17.66 -21.65 7.14
CB MSE B 101 -19.48 -22.47 4.96
CG MSE B 101 -18.48 -22.91 3.92
SE MSE B 101 -18.67 -21.64 2.42
CE MSE B 101 -17.39 -22.45 1.29
N SER B 102 -17.17 -23.84 7.25
CA SER B 102 -15.83 -23.67 7.80
C SER B 102 -14.91 -23.28 6.66
N VAL B 103 -14.18 -22.17 6.85
CA VAL B 103 -13.32 -21.69 5.76
C VAL B 103 -11.98 -21.33 6.30
N GLU B 104 -10.98 -21.32 5.44
CA GLU B 104 -9.73 -20.63 5.72
C GLU B 104 -9.70 -19.37 4.88
N VAL B 105 -9.56 -18.23 5.54
CA VAL B 105 -9.54 -16.91 4.88
C VAL B 105 -8.07 -16.52 4.71
N HIS B 106 -7.71 -16.05 3.53
CA HIS B 106 -6.39 -15.51 3.28
C HIS B 106 -6.64 -14.04 3.05
N LEU B 107 -6.16 -13.22 3.99
CA LEU B 107 -6.50 -11.80 4.06
C LEU B 107 -5.28 -10.95 3.80
N LEU B 108 -5.46 -9.95 2.96
CA LEU B 108 -4.42 -9.00 2.56
C LEU B 108 -4.85 -7.57 2.86
N ARG B 109 -3.97 -6.77 3.49
CA ARG B 109 -4.17 -5.31 3.54
C ARG B 109 -3.44 -4.71 2.31
N PHE B 110 -4.16 -3.92 1.51
CA PHE B 110 -3.55 -3.29 0.33
C PHE B 110 -4.21 -1.98 0.01
N ASN B 111 -3.67 -1.28 -0.98
CA ASN B 111 -4.21 -0.01 -1.34
C ASN B 111 -4.94 -0.18 -2.68
N LEU B 112 -6.21 0.21 -2.71
CA LEU B 112 -7.10 0.05 -3.89
C LEU B 112 -7.67 1.42 -4.29
N GLU B 113 -7.39 1.87 -5.51
CA GLU B 113 -7.92 3.17 -5.99
CA GLU B 113 -7.85 3.17 -6.03
C GLU B 113 -7.60 4.29 -4.99
N GLY B 114 -6.39 4.24 -4.42
CA GLY B 114 -5.96 5.19 -3.38
C GLY B 114 -6.48 4.94 -1.96
N GLU B 115 -7.30 3.91 -1.77
CA GLU B 115 -7.94 3.71 -0.47
C GLU B 115 -7.38 2.50 0.27
N ASP B 116 -7.37 2.59 1.61
CA ASP B 116 -6.97 1.49 2.47
C ASP B 116 -8.04 0.39 2.39
N ARG B 117 -7.67 -0.80 1.91
CA ARG B 117 -8.67 -1.87 1.77
C ARG B 117 -8.07 -3.22 2.18
N PHE B 118 -8.95 -4.19 2.38
CA PHE B 118 -8.52 -5.55 2.67
C PHE B 118 -9.16 -6.49 1.65
N LEU B 119 -8.38 -7.43 1.12
CA LEU B 119 -8.83 -8.37 0.10
C LEU B 119 -8.79 -9.75 0.79
N ALA B 120 -9.93 -10.40 0.85
CA ALA B 120 -10.07 -11.71 1.48
C ALA B 120 -10.47 -12.78 0.50
N ILE B 121 -9.66 -13.85 0.42
CA ILE B 121 -10.04 -15.03 -0.34
CA ILE B 121 -10.03 -15.05 -0.34
C ILE B 121 -10.38 -16.15 0.65
N SER B 122 -11.62 -16.67 0.59
CA SER B 122 -12.07 -17.70 1.50
C SER B 122 -12.22 -19.04 0.78
N ARG B 123 -11.66 -20.08 1.40
CA ARG B 123 -11.74 -21.40 0.85
C ARG B 123 -12.33 -22.41 1.81
N ASP B 124 -13.30 -23.18 1.32
CA ASP B 124 -13.94 -24.19 2.14
CA ASP B 124 -13.96 -24.23 2.09
C ASP B 124 -12.88 -25.18 2.66
N ILE B 125 -12.96 -25.51 3.95
CA ILE B 125 -12.01 -26.48 4.55
CA ILE B 125 -12.05 -26.46 4.61
C ILE B 125 -12.60 -27.87 4.37
N LEU C 12 7.63 37.01 0.13
CA LEU C 12 7.55 35.68 -0.60
C LEU C 12 8.87 34.89 -0.45
N GLU C 13 9.99 35.61 -0.42
CA GLU C 13 11.29 34.97 -0.20
C GLU C 13 11.34 34.35 1.20
N GLU C 14 10.64 34.98 2.13
CA GLU C 14 10.43 34.44 3.49
C GLU C 14 9.68 33.10 3.53
N THR C 15 8.62 32.97 2.72
CA THR C 15 7.90 31.70 2.57
C THR C 15 8.80 30.59 2.03
N SER C 16 9.46 30.84 0.90
CA SER C 16 10.43 29.89 0.37
C SER C 16 11.48 29.56 1.43
N SER C 17 11.96 30.58 2.14
CA SER C 17 13.05 30.41 3.12
C SER C 17 12.61 29.50 4.26
N ARG C 18 11.39 29.77 4.74
CA ARG C 18 10.78 29.00 5.81
CA ARG C 18 10.76 29.00 5.80
C ARG C 18 10.58 27.54 5.42
N LEU C 19 9.98 27.31 4.26
CA LEU C 19 9.73 25.97 3.75
C LEU C 19 11.07 25.22 3.54
N GLU C 20 12.06 25.92 2.98
CA GLU C 20 13.40 25.36 2.84
C GLU C 20 13.99 24.91 4.16
N ALA C 21 13.81 25.75 5.19
CA ALA C 21 14.38 25.48 6.49
C ALA C 21 13.73 24.23 7.09
N LEU C 22 12.43 24.06 6.89
CA LEU C 22 11.73 22.91 7.49
C LEU C 22 12.22 21.62 6.78
N PHE C 23 12.46 21.72 5.47
CA PHE C 23 12.92 20.57 4.68
C PHE C 23 14.33 20.21 5.11
N GLU C 24 15.24 21.19 5.07
CA GLU C 24 16.66 20.93 5.36
C GLU C 24 16.94 20.48 6.80
N ASN C 25 16.21 21.09 7.74
CA ASN C 25 16.40 20.79 9.14
C ASN C 25 15.62 19.60 9.65
N SER C 26 14.75 19.01 8.83
CA SER C 26 13.99 17.83 9.30
C SER C 26 14.89 16.88 10.11
N PRO C 27 14.46 16.49 11.32
CA PRO C 27 15.30 15.61 12.11
C PRO C 27 15.48 14.24 11.44
N ASP C 28 14.56 13.83 10.58
CA ASP C 28 14.72 12.61 9.78
C ASP C 28 15.22 12.89 8.37
N MSE C 29 15.84 11.87 7.77
CA MSE C 29 16.40 12.04 6.45
C MSE C 29 15.27 12.01 5.40
O MSE C 29 14.27 11.29 5.57
CB MSE C 29 17.36 10.87 6.19
CG MSE C 29 18.50 10.85 7.20
SE MSE C 29 19.39 9.08 7.23
CE MSE C 29 20.06 9.05 5.43
N ILE C 30 15.43 12.77 4.31
CA ILE C 30 14.40 12.83 3.26
C ILE C 30 15.06 12.69 1.91
N ASP C 31 14.51 11.81 1.07
CA ASP C 31 14.93 11.77 -0.31
C ASP C 31 13.69 11.62 -1.18
N VAL C 32 13.79 12.09 -2.41
CA VAL C 32 12.71 11.94 -3.39
C VAL C 32 13.33 11.16 -4.56
N LEU C 33 12.58 10.16 -5.07
CA LEU C 33 13.02 9.30 -6.18
C LEU C 33 12.05 9.44 -7.33
N ASP C 34 12.50 9.17 -8.56
CA ASP C 34 11.56 8.97 -9.64
C ASP C 34 11.21 7.49 -9.69
N ALA C 35 10.40 7.07 -10.66
CA ALA C 35 9.89 5.71 -10.70
C ALA C 35 10.95 4.63 -10.93
N ASP C 36 12.15 5.01 -11.36
CA ASP C 36 13.24 4.06 -11.59
C ASP C 36 14.25 3.99 -10.42
N GLY C 37 13.93 4.70 -9.34
CA GLY C 37 14.79 4.72 -8.16
C GLY C 37 15.92 5.73 -8.20
N THR C 38 15.95 6.63 -9.18
CA THR C 38 16.98 7.67 -9.24
C THR C 38 16.68 8.77 -8.24
N ILE C 39 17.71 9.22 -7.52
CA ILE C 39 17.55 10.22 -6.48
C ILE C 39 17.46 11.60 -7.14
N CYS C 40 16.30 12.22 -6.98
CA CYS C 40 15.97 13.54 -7.55
C CYS C 40 16.22 14.70 -6.61
N GLU C 41 16.04 14.44 -5.32
CA GLU C 41 16.20 15.46 -4.30
CA GLU C 41 16.26 15.45 -4.31
C GLU C 41 16.54 14.77 -2.99
N VAL C 42 17.35 15.43 -2.17
CA VAL C 42 17.69 14.96 -0.82
C VAL C 42 17.82 16.17 0.08
N ASN C 43 17.52 16.02 1.36
CA ASN C 43 17.71 17.13 2.31
C ASN C 43 19.11 17.08 2.96
N GLN C 44 19.45 18.16 3.65
CA GLN C 44 20.76 18.23 4.28
CA GLN C 44 20.71 18.31 4.38
C GLN C 44 20.93 17.14 5.33
N ARG C 45 19.86 16.75 6.02
CA ARG C 45 19.93 15.66 7.03
C ARG C 45 20.39 14.35 6.38
N PHE C 46 19.82 14.01 5.23
CA PHE C 46 20.25 12.81 4.49
C PHE C 46 21.77 12.85 4.23
N CYS C 47 22.25 13.94 3.62
CA CYS C 47 23.68 14.10 3.33
C CYS C 47 24.55 14.05 4.55
N ALA C 48 24.17 14.80 5.59
CA ALA C 48 24.91 14.90 6.86
C ALA C 48 25.05 13.54 7.55
N GLU C 49 23.94 12.82 7.66
CA GLU C 49 23.92 11.56 8.39
C GLU C 49 24.79 10.53 7.68
N LEU C 50 24.86 10.60 6.36
CA LEU C 50 25.60 9.59 5.58
C LEU C 50 27.02 10.02 5.20
N GLY C 51 27.34 11.28 5.44
CA GLY C 51 28.71 11.77 5.27
C GLY C 51 29.01 12.13 3.83
N TYR C 52 27.96 12.34 3.03
CA TYR C 52 28.12 12.71 1.59
C TYR C 52 27.78 14.17 1.31
N ASP C 53 28.42 14.73 0.29
CA ASP C 53 27.99 15.98 -0.29
C ASP C 53 26.78 15.73 -1.19
N GLU C 54 25.88 16.69 -1.29
CA GLU C 54 24.69 16.50 -2.14
C GLU C 54 25.07 16.08 -3.56
N SER C 55 26.18 16.62 -4.05
CA SER C 55 26.66 16.33 -5.40
CA SER C 55 26.62 16.32 -5.40
C SER C 55 27.03 14.86 -5.61
N GLU C 56 27.32 14.14 -4.52
CA GLU C 56 27.70 12.73 -4.58
C GLU C 56 26.49 11.81 -4.45
N VAL C 57 25.29 12.39 -4.30
CA VAL C 57 24.07 11.65 -4.10
C VAL C 57 23.09 11.84 -5.27
N LEU C 58 22.83 13.08 -5.65
CA LEU C 58 21.87 13.36 -6.72
C LEU C 58 22.21 12.65 -8.03
N GLY C 59 21.20 12.05 -8.67
CA GLY C 59 21.41 11.33 -9.94
C GLY C 59 21.81 9.87 -9.76
N ARG C 60 22.28 9.51 -8.56
CA ARG C 60 22.61 8.11 -8.25
CA ARG C 60 22.59 8.10 -8.30
C ARG C 60 21.31 7.37 -7.93
N SER C 61 21.39 6.04 -7.83
CA SER C 61 20.21 5.24 -7.57
C SER C 61 20.16 4.81 -6.11
N ILE C 62 18.95 4.62 -5.59
CA ILE C 62 18.85 4.39 -4.14
C ILE C 62 19.51 3.07 -3.70
N TRP C 63 19.55 2.07 -4.60
CA TRP C 63 20.17 0.80 -4.30
C TRP C 63 21.69 0.96 -4.11
N GLU C 64 22.25 2.11 -4.53
CA GLU C 64 23.67 2.36 -4.27
C GLU C 64 23.97 2.70 -2.82
N PHE C 65 22.94 3.10 -2.08
CA PHE C 65 23.09 3.53 -0.68
C PHE C 65 22.47 2.56 0.31
N ASP C 66 21.43 1.84 -0.11
CA ASP C 66 20.75 0.92 0.80
C ASP C 66 21.23 -0.50 0.49
N LEU C 67 21.99 -1.07 1.43
CA LEU C 67 22.58 -2.38 1.23
C LEU C 67 21.56 -3.53 1.15
N MSE C 68 20.35 -3.29 1.63
CA MSE C 68 19.36 -4.35 1.73
CA MSE C 68 19.34 -4.34 1.75
C MSE C 68 18.54 -4.62 0.47
O MSE C 68 17.82 -5.63 0.39
CB MSE C 68 18.43 -4.10 2.91
CB MSE C 68 18.39 -4.05 2.92
CG MSE C 68 19.21 -3.98 4.20
CG MSE C 68 19.04 -4.23 4.30
SE MSE C 68 20.18 -5.62 4.73
SE MSE C 68 17.85 -4.05 5.85
CE MSE C 68 21.13 -6.14 3.14
CE MSE C 68 16.33 -5.13 5.25
N PHE C 69 18.68 -3.74 -0.51
CA PHE C 69 17.93 -3.80 -1.76
C PHE C 69 18.91 -3.67 -2.92
N ASP C 70 18.87 -4.64 -3.84
CA ASP C 70 19.55 -4.46 -5.12
C ASP C 70 18.60 -3.78 -6.13
N ALA C 71 19.06 -3.53 -7.35
CA ALA C 71 18.26 -2.76 -8.29
C ALA C 71 16.91 -3.38 -8.57
N GLU C 72 16.91 -4.71 -8.77
CA GLU C 72 15.68 -5.45 -9.05
C GLU C 72 14.70 -5.39 -7.86
N ASP C 73 15.23 -5.47 -6.64
CA ASP C 73 14.41 -5.32 -5.43
C ASP C 73 13.77 -3.94 -5.38
N VAL C 74 14.56 -2.90 -5.68
CA VAL C 74 14.01 -1.55 -5.65
C VAL C 74 12.91 -1.40 -6.71
N GLN C 75 13.19 -1.83 -7.94
CA GLN C 75 12.20 -1.66 -9.01
C GLN C 75 10.88 -2.40 -8.72
N THR C 76 10.98 -3.61 -8.15
CA THR C 76 9.82 -4.39 -7.65
C THR C 76 9.05 -3.59 -6.57
N GLN C 77 9.77 -3.07 -5.59
CA GLN C 77 9.19 -2.26 -4.51
CA GLN C 77 9.15 -2.27 -4.52
C GLN C 77 8.37 -1.09 -5.09
N LEU C 78 9.01 -0.27 -5.94
CA LEU C 78 8.40 0.96 -6.48
C LEU C 78 7.21 0.68 -7.42
N SER C 79 7.35 -0.31 -8.28
CA SER C 79 6.31 -0.57 -9.27
CA SER C 79 6.33 -0.62 -9.28
C SER C 79 4.99 -1.05 -8.65
N GLY C 80 5.02 -1.53 -7.42
CA GLY C 80 3.82 -1.99 -6.76
C GLY C 80 2.94 -0.92 -6.12
N PHE C 81 3.47 0.29 -5.94
CA PHE C 81 2.74 1.40 -5.31
C PHE C 81 1.66 2.03 -6.18
N SER C 82 0.49 2.27 -5.60
CA SER C 82 -0.50 3.13 -6.25
C SER C 82 -0.23 4.55 -5.80
N VAL C 83 -0.76 5.51 -6.56
CA VAL C 83 -0.59 6.91 -6.17
C VAL C 83 -1.21 7.13 -4.80
N ASP C 84 -0.47 7.85 -3.94
CA ASP C 84 -0.84 8.14 -2.54
C ASP C 84 -0.68 6.99 -1.51
N GLU C 85 -0.23 5.82 -1.97
CA GLU C 85 0.06 4.70 -1.08
C GLU C 85 1.35 4.92 -0.26
N ARG C 86 1.33 4.45 0.99
CA ARG C 86 2.52 4.49 1.89
C ARG C 86 2.87 3.13 2.44
N ARG C 87 4.17 2.88 2.58
CA ARG C 87 4.63 1.64 3.25
C ARG C 87 5.82 1.96 4.09
N LYS C 88 6.02 1.17 5.15
CA LYS C 88 7.21 1.27 5.97
C LYS C 88 7.99 -0.04 5.89
N PHE C 89 9.30 0.09 5.87
CA PHE C 89 10.19 -1.06 5.83
C PHE C 89 11.56 -0.69 6.33
N GLU C 90 12.38 -1.70 6.60
CA GLU C 90 13.73 -1.51 7.10
CA GLU C 90 13.73 -1.49 7.10
C GLU C 90 14.72 -1.46 5.96
N GLY C 91 15.68 -0.54 6.05
CA GLY C 91 16.80 -0.49 5.12
C GLY C 91 18.09 -0.41 5.94
N LEU C 92 19.22 -0.47 5.25
CA LEU C 92 20.52 -0.32 5.88
C LEU C 92 21.37 0.55 4.98
N TYR C 93 21.58 1.80 5.40
CA TYR C 93 22.34 2.73 4.56
C TYR C 93 23.82 2.56 4.80
N GLU C 94 24.58 2.65 3.73
CA GLU C 94 26.04 2.68 3.85
C GLU C 94 26.54 4.12 3.81
N ARG C 95 27.26 4.55 4.85
CA ARG C 95 27.88 5.88 4.88
C ARG C 95 29.11 5.98 3.99
N ARG C 96 29.54 7.20 3.74
CA ARG C 96 30.69 7.44 2.87
C ARG C 96 31.89 6.68 3.43
N ASP C 97 32.01 6.60 4.76
CA ASP C 97 33.17 5.96 5.43
C ASP C 97 33.04 4.46 5.58
N GLY C 98 31.98 3.90 5.00
CA GLY C 98 31.79 2.44 4.99
C GLY C 98 31.05 1.89 6.20
N SER C 99 30.80 2.73 7.20
CA SER C 99 29.94 2.35 8.30
C SER C 99 28.47 2.24 7.84
N THR C 100 27.63 1.58 8.62
CA THR C 100 26.25 1.35 8.15
C THR C 100 25.25 1.81 9.20
N MSE C 101 24.04 2.15 8.76
CA MSE C 101 23.04 2.72 9.64
C MSE C 101 21.69 2.05 9.39
O MSE C 101 21.14 2.16 8.28
CB MSE C 101 22.94 4.22 9.38
CG MSE C 101 21.75 4.92 10.02
SE MSE C 101 21.54 6.79 9.33
CE MSE C 101 22.58 6.73 7.76
N SER C 102 21.13 1.37 10.39
CA SER C 102 19.80 0.75 10.18
CA SER C 102 19.82 0.74 10.20
C SER C 102 18.74 1.83 10.24
N VAL C 103 17.80 1.80 9.29
CA VAL C 103 16.74 2.81 9.22
C VAL C 103 15.39 2.17 8.98
N GLU C 104 14.32 2.84 9.40
CA GLU C 104 12.99 2.49 8.91
C GLU C 104 12.58 3.61 7.96
N VAL C 105 12.21 3.19 6.75
CA VAL C 105 11.82 4.08 5.67
C VAL C 105 10.31 4.10 5.60
N HIS C 106 9.76 5.30 5.58
CA HIS C 106 8.36 5.48 5.31
C HIS C 106 8.32 6.08 3.92
N LEU C 107 7.78 5.28 2.99
CA LEU C 107 7.82 5.64 1.56
C LEU C 107 6.45 5.93 1.01
N LEU C 108 6.31 7.03 0.27
CA LEU C 108 5.04 7.41 -0.33
C LEU C 108 5.20 7.59 -1.86
N ARG C 109 4.26 7.06 -2.65
CA ARG C 109 4.18 7.46 -4.07
C ARG C 109 3.17 8.60 -4.19
N PHE C 110 3.56 9.66 -4.86
CA PHE C 110 2.66 10.80 -5.02
C PHE C 110 2.93 11.63 -6.28
N ASN C 111 2.02 12.56 -6.56
CA ASN C 111 2.25 13.50 -7.64
C ASN C 111 2.93 14.78 -7.13
N LEU C 112 4.15 15.01 -7.57
CA LEU C 112 4.90 16.16 -7.12
C LEU C 112 5.01 17.12 -8.28
N GLU C 113 4.16 18.14 -8.26
CA GLU C 113 4.17 19.21 -9.28
C GLU C 113 3.99 18.59 -10.67
N GLY C 114 3.08 17.62 -10.77
CA GLY C 114 2.82 16.98 -12.06
C GLY C 114 3.69 15.76 -12.35
N GLU C 115 4.70 15.52 -11.52
CA GLU C 115 5.62 14.40 -11.71
C GLU C 115 5.31 13.19 -10.79
N ASP C 116 5.50 11.98 -11.32
CA ASP C 116 5.35 10.74 -10.57
C ASP C 116 6.62 10.58 -9.70
N ARG C 117 6.46 10.81 -8.40
CA ARG C 117 7.62 10.78 -7.48
C ARG C 117 7.36 9.91 -6.25
N PHE C 118 8.46 9.55 -5.59
CA PHE C 118 8.43 8.83 -4.31
C PHE C 118 9.13 9.66 -3.25
N LEU C 119 8.47 9.83 -2.12
CA LEU C 119 9.02 10.61 -1.03
C LEU C 119 9.36 9.62 0.09
N ALA C 120 10.62 9.56 0.50
CA ALA C 120 11.01 8.64 1.57
C ALA C 120 11.51 9.40 2.76
N ILE C 121 10.91 9.11 3.91
CA ILE C 121 11.40 9.66 5.18
C ILE C 121 12.08 8.53 5.95
N SER C 122 13.36 8.65 6.18
CA SER C 122 14.09 7.59 6.87
C SER C 122 14.48 7.96 8.27
N ARG C 123 14.18 7.08 9.20
CA ARG C 123 14.45 7.31 10.60
C ARG C 123 15.46 6.31 11.12
N ASP C 124 16.50 6.80 11.78
CA ASP C 124 17.54 6.00 12.38
C ASP C 124 16.89 5.11 13.45
N ILE C 125 17.14 3.82 13.39
CA ILE C 125 16.60 2.92 14.42
C ILE C 125 17.68 2.35 15.36
N ARG D 5 11.39 41.35 -11.28
CA ARG D 5 10.45 41.42 -10.09
C ARG D 5 9.31 40.41 -10.20
N LYS D 6 8.62 40.42 -11.34
CA LYS D 6 7.58 39.43 -11.63
C LYS D 6 8.22 38.05 -11.79
N ARG D 7 9.36 38.02 -12.48
CA ARG D 7 10.10 36.78 -12.74
C ARG D 7 10.71 36.21 -11.46
N ARG D 8 11.14 37.15 -10.54
CA ARG D 8 11.80 36.74 -9.31
C ARG D 8 10.77 36.10 -8.40
N GLU D 9 9.59 36.70 -8.33
CA GLU D 9 8.48 36.17 -7.56
C GLU D 9 8.06 34.79 -8.10
N LYS D 10 8.18 34.60 -9.43
CA LYS D 10 7.82 33.31 -10.06
C LYS D 10 8.77 32.19 -9.64
N ARG D 11 10.07 32.46 -9.75
CA ARG D 11 11.10 31.51 -9.31
C ARG D 11 10.85 31.10 -7.86
N LEU D 12 10.69 32.11 -7.00
CA LEU D 12 10.45 31.94 -5.57
C LEU D 12 9.16 31.17 -5.31
N GLU D 13 8.17 31.41 -6.18
CA GLU D 13 6.89 30.71 -6.11
C GLU D 13 7.07 29.23 -6.50
N GLU D 14 7.91 28.97 -7.51
CA GLU D 14 8.19 27.59 -7.95
C GLU D 14 8.86 26.77 -6.88
N THR D 15 9.87 27.36 -6.23
N THR D 15 9.85 27.36 -6.21
CA THR D 15 10.57 26.68 -5.14
CA THR D 15 10.59 26.70 -5.14
C THR D 15 9.62 26.44 -3.98
C THR D 15 9.70 26.47 -3.91
N SER D 16 8.92 27.48 -3.53
CA SER D 16 8.00 27.34 -2.40
CA SER D 16 7.99 27.35 -2.40
C SER D 16 6.93 26.29 -2.68
N SER D 17 6.41 26.27 -3.91
CA SER D 17 5.37 25.30 -4.26
C SER D 17 5.85 23.84 -4.11
N ARG D 18 7.05 23.57 -4.62
CA ARG D 18 7.66 22.25 -4.51
C ARG D 18 7.84 21.89 -3.01
N LEU D 19 8.41 22.84 -2.24
CA LEU D 19 8.71 22.61 -0.83
C LEU D 19 7.41 22.46 0.00
N GLU D 20 6.37 23.21 -0.40
CA GLU D 20 5.06 23.10 0.23
C GLU D 20 4.49 21.69 0.02
N ALA D 21 4.58 21.21 -1.20
CA ALA D 21 4.05 19.90 -1.52
C ALA D 21 4.77 18.79 -0.73
N LEU D 22 6.10 18.89 -0.64
CA LEU D 22 6.88 17.93 0.18
C LEU D 22 6.45 17.95 1.64
N PHE D 23 6.19 19.14 2.15
CA PHE D 23 5.74 19.30 3.55
C PHE D 23 4.35 18.70 3.78
N GLU D 24 3.39 19.12 2.96
CA GLU D 24 2.02 18.78 3.21
C GLU D 24 1.76 17.29 3.00
N ASN D 25 2.48 16.69 2.05
CA ASN D 25 2.27 15.28 1.66
C ASN D 25 3.18 14.29 2.37
N SER D 26 4.10 14.77 3.20
CA SER D 26 4.97 13.86 3.91
CA SER D 26 4.98 13.85 3.89
C SER D 26 4.19 12.69 4.47
N PRO D 27 4.71 11.45 4.31
CA PRO D 27 3.98 10.31 4.87
C PRO D 27 3.91 10.35 6.41
N ASP D 28 4.80 11.10 7.05
CA ASP D 28 4.74 11.29 8.51
C ASP D 28 4.10 12.60 8.88
N MSE D 29 3.65 12.67 10.13
CA MSE D 29 2.99 13.86 10.64
C MSE D 29 4.03 14.89 11.05
O MSE D 29 5.09 14.53 11.61
CB MSE D 29 2.11 13.48 11.84
CG MSE D 29 1.16 12.34 11.49
SE MSE D 29 0.38 11.61 13.13
CE MSE D 29 -0.43 13.15 13.95
N ILE D 30 3.77 16.16 10.77
CA ILE D 30 4.77 17.21 11.06
C ILE D 30 4.10 18.39 11.78
N ASP D 31 4.68 18.83 12.88
CA ASP D 31 4.19 20.09 13.48
C ASP D 31 5.38 20.91 13.93
N VAL D 32 5.15 22.20 14.02
CA VAL D 32 6.16 23.14 14.50
C VAL D 32 5.57 23.81 15.76
N LEU D 33 6.37 23.86 16.82
CA LEU D 33 5.94 24.50 18.08
C LEU D 33 6.81 25.71 18.45
N ASP D 34 6.24 26.63 19.22
CA ASP D 34 7.05 27.66 19.87
C ASP D 34 7.39 27.14 21.26
N ALA D 35 8.15 27.95 22.00
CA ALA D 35 8.68 27.55 23.32
C ALA D 35 7.56 27.39 24.37
N ASP D 36 6.40 27.98 24.09
CA ASP D 36 5.23 27.85 24.97
C ASP D 36 4.40 26.59 24.67
N GLY D 37 4.84 25.80 23.69
CA GLY D 37 4.13 24.60 23.21
C GLY D 37 2.93 24.82 22.30
N THR D 38 2.84 26.05 21.77
CA THR D 38 1.78 26.39 20.85
C THR D 38 2.13 25.94 19.43
N ILE D 39 1.14 25.35 18.78
CA ILE D 39 1.34 24.79 17.46
C ILE D 39 1.31 25.96 16.45
N CYS D 40 2.45 26.16 15.79
CA CYS D 40 2.66 27.26 14.82
C CYS D 40 2.38 26.82 13.39
N GLU D 41 2.59 25.55 13.12
CA GLU D 41 2.39 25.02 11.76
C GLU D 41 2.15 23.52 11.89
N VAL D 42 1.37 22.98 10.96
CA VAL D 42 1.08 21.53 10.94
CA VAL D 42 1.05 21.56 10.96
C VAL D 42 0.86 21.14 9.51
N ASN D 43 1.35 19.96 9.14
CA ASN D 43 1.07 19.54 7.77
C ASN D 43 -0.30 18.84 7.66
N GLN D 44 -0.75 18.65 6.43
CA GLN D 44 -2.05 18.04 6.24
CA GLN D 44 -2.03 17.99 6.13
C GLN D 44 -2.07 16.60 6.74
N ARG D 45 -0.90 15.93 6.72
CA ARG D 45 -0.87 14.57 7.21
C ARG D 45 -1.25 14.50 8.72
N PHE D 46 -0.70 15.43 9.52
CA PHE D 46 -1.02 15.52 10.94
C PHE D 46 -2.54 15.63 11.09
N CYS D 47 -3.14 16.59 10.35
CA CYS D 47 -4.60 16.85 10.49
C CYS D 47 -5.41 15.61 10.05
N ALA D 48 -5.01 15.03 8.93
CA ALA D 48 -5.77 13.93 8.36
C ALA D 48 -5.68 12.66 9.24
N GLU D 49 -4.48 12.36 9.76
CA GLU D 49 -4.31 11.20 10.62
C GLU D 49 -5.15 11.30 11.90
N LEU D 50 -5.30 12.53 12.41
CA LEU D 50 -5.99 12.71 13.66
C LEU D 50 -7.47 13.09 13.49
N GLY D 51 -7.86 13.36 12.26
CA GLY D 51 -9.25 13.75 11.95
C GLY D 51 -9.70 15.18 12.28
N TYR D 52 -8.75 16.10 12.47
CA TYR D 52 -9.05 17.51 12.73
C TYR D 52 -8.86 18.38 11.50
N ASP D 53 -9.61 19.46 11.41
CA ASP D 53 -9.25 20.51 10.46
C ASP D 53 -8.09 21.32 11.03
N GLU D 54 -7.27 21.90 10.15
CA GLU D 54 -6.16 22.81 10.57
C GLU D 54 -6.60 23.83 11.59
N SER D 55 -7.81 24.38 11.41
CA SER D 55 -8.30 25.45 12.30
C SER D 55 -8.55 24.97 13.74
N GLU D 56 -8.61 23.64 13.92
CA GLU D 56 -8.81 23.05 15.24
C GLU D 56 -7.46 22.69 15.87
N VAL D 57 -6.37 22.92 15.11
CA VAL D 57 -5.00 22.47 15.54
C VAL D 57 -4.03 23.64 15.67
N LEU D 58 -3.94 24.44 14.61
CA LEU D 58 -3.07 25.63 14.62
C LEU D 58 -3.49 26.53 15.78
N GLY D 59 -2.52 27.04 16.55
CA GLY D 59 -2.77 27.96 17.66
C GLY D 59 -3.07 27.25 18.98
N ARG D 60 -3.41 25.95 18.89
CA ARG D 60 -3.67 25.15 20.11
CA ARG D 60 -3.67 25.13 20.08
C ARG D 60 -2.36 24.70 20.74
N SER D 61 -2.44 24.17 21.96
CA SER D 61 -1.26 23.71 22.67
C SER D 61 -1.07 22.21 22.43
N ILE D 62 0.18 21.79 22.30
CA ILE D 62 0.43 20.38 21.98
C ILE D 62 -0.07 19.37 23.04
N TRP D 63 -0.08 19.77 24.31
CA TRP D 63 -0.61 18.85 25.34
C TRP D 63 -2.10 18.55 25.17
N GLU D 64 -2.83 19.36 24.40
CA GLU D 64 -4.26 19.09 24.14
C GLU D 64 -4.43 17.89 23.23
N PHE D 65 -3.34 17.47 22.56
CA PHE D 65 -3.43 16.38 21.62
C PHE D 65 -2.69 15.11 22.06
N ASP D 66 -1.67 15.26 22.90
CA ASP D 66 -0.90 14.12 23.37
C ASP D 66 -1.32 13.71 24.79
N LEU D 67 -1.95 12.54 24.87
CA LEU D 67 -2.42 12.01 26.14
C LEU D 67 -1.31 11.63 27.14
N MSE D 68 -0.08 11.57 26.68
CA MSE D 68 1.02 11.22 27.58
C MSE D 68 1.66 12.42 28.30
O MSE D 68 2.49 12.21 29.20
CB MSE D 68 2.11 10.54 26.77
CG MSE D 68 1.73 9.06 26.41
SE MSE D 68 3.01 8.03 25.48
CE MSE D 68 4.38 7.88 26.83
N PHE D 69 1.30 13.63 27.88
CA PHE D 69 1.90 14.90 28.37
C PHE D 69 0.82 15.86 28.84
N ASP D 70 0.97 16.36 30.06
CA ASP D 70 0.18 17.51 30.45
C ASP D 70 1.00 18.76 30.16
N ALA D 71 0.45 19.94 30.48
CA ALA D 71 1.12 21.21 30.13
C ALA D 71 2.51 21.29 30.75
N GLU D 72 2.59 20.89 32.03
CA GLU D 72 3.84 20.94 32.76
C GLU D 72 4.86 20.02 32.09
N ASP D 73 4.44 18.82 31.68
CA ASP D 73 5.35 17.86 31.03
C ASP D 73 5.87 18.46 29.74
N VAL D 74 4.99 19.11 28.95
CA VAL D 74 5.47 19.75 27.72
C VAL D 74 6.48 20.87 28.04
N GLN D 75 6.17 21.71 29.02
CA GLN D 75 7.10 22.77 29.41
CA GLN D 75 7.11 22.78 29.43
C GLN D 75 8.47 22.19 29.80
N THR D 76 8.46 21.13 30.60
CA THR D 76 9.67 20.46 31.04
C THR D 76 10.47 19.92 29.87
N GLN D 77 9.76 19.31 28.92
CA GLN D 77 10.35 18.71 27.74
CA GLN D 77 10.34 18.71 27.73
C GLN D 77 11.04 19.77 26.89
N LEU D 78 10.29 20.82 26.54
CA LEU D 78 10.82 21.86 25.66
C LEU D 78 11.98 22.62 26.31
N SER D 79 11.84 22.95 27.60
CA SER D 79 12.83 23.83 28.25
CA SER D 79 12.82 23.82 28.23
C SER D 79 14.18 23.14 28.34
N GLY D 80 14.17 21.80 28.41
CA GLY D 80 15.43 21.05 28.51
C GLY D 80 16.24 20.84 27.23
N PHE D 81 15.71 21.19 26.06
CA PHE D 81 16.45 21.02 24.78
C PHE D 81 17.47 22.12 24.54
N SER D 82 18.64 21.72 24.08
CA SER D 82 19.64 22.66 23.54
C SER D 82 19.26 22.99 22.11
N VAL D 83 19.72 24.15 21.63
CA VAL D 83 19.56 24.47 20.20
C VAL D 83 20.26 23.40 19.37
N ASP D 84 19.53 22.88 18.40
CA ASP D 84 19.98 21.85 17.43
C ASP D 84 19.96 20.41 17.99
N GLU D 85 19.56 20.29 19.25
CA GLU D 85 19.36 18.98 19.86
C GLU D 85 18.13 18.27 19.25
N ARG D 86 18.28 16.98 19.05
CA ARG D 86 17.17 16.07 18.67
C ARG D 86 16.93 14.99 19.71
N ARG D 87 15.68 14.59 19.89
CA ARG D 87 15.39 13.47 20.75
C ARG D 87 14.20 12.74 20.19
N LYS D 88 14.14 11.44 20.49
CA LYS D 88 12.97 10.62 20.14
C LYS D 88 12.26 10.16 21.42
N PHE D 89 10.94 10.15 21.41
CA PHE D 89 10.17 9.76 22.59
C PHE D 89 8.77 9.32 22.15
N GLU D 90 8.11 8.60 23.03
CA GLU D 90 6.76 8.11 22.71
CA GLU D 90 6.76 8.11 22.74
C GLU D 90 5.76 9.21 23.00
N GLY D 91 4.69 9.21 22.21
CA GLY D 91 3.54 10.06 22.50
C GLY D 91 2.30 9.23 22.19
N LEU D 92 1.14 9.75 22.60
CA LEU D 92 -0.12 9.06 22.37
C LEU D 92 -1.15 10.10 21.97
N TYR D 93 -1.35 10.26 20.67
CA TYR D 93 -2.28 11.27 20.19
C TYR D 93 -3.74 10.87 20.35
N GLU D 94 -4.56 11.86 20.64
CA GLU D 94 -6.00 11.67 20.75
C GLU D 94 -6.62 12.24 19.45
N ARG D 95 -7.35 11.40 18.72
CA ARG D 95 -8.00 11.83 17.49
C ARG D 95 -9.27 12.62 17.81
N ARG D 96 -9.80 13.33 16.81
CA ARG D 96 -11.05 14.04 17.04
C ARG D 96 -12.20 13.07 17.49
N ASP D 97 -12.19 11.83 17.03
CA ASP D 97 -13.23 10.90 17.41
C ASP D 97 -13.01 10.25 18.78
N GLY D 98 -11.95 10.67 19.49
CA GLY D 98 -11.68 10.16 20.85
C GLY D 98 -10.77 8.96 20.89
N SER D 99 -10.48 8.34 19.74
CA SER D 99 -9.57 7.18 19.68
C SER D 99 -8.12 7.62 19.80
N THR D 100 -7.20 6.67 19.94
CA THR D 100 -5.82 7.06 20.24
C THR D 100 -4.88 6.50 19.19
N MSE D 101 -3.71 7.12 19.10
CA MSE D 101 -2.70 6.71 18.11
C MSE D 101 -1.34 6.77 18.79
O MSE D 101 -0.88 7.88 19.18
CB MSE D 101 -2.73 7.67 16.91
CG MSE D 101 -1.70 7.31 15.89
SE MSE D 101 -1.61 8.76 14.56
CE MSE D 101 -0.24 8.02 13.47
N SER D 102 -0.70 5.60 19.01
CA SER D 102 0.65 5.60 19.62
C SER D 102 1.62 6.05 18.56
N VAL D 103 2.51 6.97 18.92
CA VAL D 103 3.52 7.44 17.96
C VAL D 103 4.89 7.54 18.59
N GLU D 104 5.90 7.61 17.73
CA GLU D 104 7.22 8.02 18.18
C GLU D 104 7.48 9.38 17.55
N VAL D 105 7.76 10.36 18.41
CA VAL D 105 8.01 11.69 17.96
C VAL D 105 9.53 11.86 17.89
N HIS D 106 9.99 12.45 16.79
CA HIS D 106 11.40 12.86 16.69
C HIS D 106 11.36 14.40 16.70
N LEU D 107 11.92 14.99 17.74
CA LEU D 107 11.77 16.41 18.02
C LEU D 107 13.12 17.11 17.91
N LEU D 108 13.09 18.28 17.27
CA LEU D 108 14.29 19.10 17.10
C LEU D 108 14.03 20.52 17.59
N ARG D 109 14.98 21.11 18.32
CA ARG D 109 14.90 22.54 18.61
C ARG D 109 15.85 23.19 17.63
N PHE D 110 15.37 24.26 17.02
CA PHE D 110 16.18 24.96 16.04
C PHE D 110 15.76 26.41 15.88
N ASN D 111 16.56 27.14 15.11
CA ASN D 111 16.23 28.52 14.75
C ASN D 111 15.55 28.61 13.38
N LEU D 112 14.30 29.04 13.38
CA LEU D 112 13.50 29.18 12.18
C LEU D 112 13.14 30.64 11.92
N GLU D 113 13.62 31.14 10.79
CA GLU D 113 13.46 32.56 10.38
CA GLU D 113 13.38 32.56 10.42
C GLU D 113 13.86 33.51 11.52
N GLY D 114 14.74 33.06 12.41
CA GLY D 114 15.19 33.87 13.55
C GLY D 114 14.43 33.66 14.87
N GLU D 115 13.42 32.80 14.85
CA GLU D 115 12.65 32.47 16.06
C GLU D 115 13.03 31.09 16.63
N ASP D 116 12.98 30.97 17.95
CA ASP D 116 13.23 29.70 18.61
C ASP D 116 12.00 28.80 18.38
N ARG D 117 12.21 27.71 17.64
CA ARG D 117 11.13 26.79 17.28
C ARG D 117 11.48 25.34 17.48
N PHE D 118 10.44 24.50 17.53
CA PHE D 118 10.62 23.06 17.60
C PHE D 118 9.99 22.43 16.38
N LEU D 119 10.67 21.48 15.77
CA LEU D 119 10.12 20.78 14.61
C LEU D 119 9.95 19.32 15.03
N ALA D 120 8.75 18.80 14.92
CA ALA D 120 8.44 17.43 15.39
C ALA D 120 7.94 16.58 14.23
N ILE D 121 8.54 15.41 14.04
CA ILE D 121 8.06 14.45 13.06
CA ILE D 121 8.04 14.46 13.06
C ILE D 121 7.53 13.24 13.82
N SER D 122 6.24 12.96 13.65
CA SER D 122 5.63 11.88 14.41
C SER D 122 5.32 10.71 13.50
N ARG D 123 5.66 9.51 14.00
CA ARG D 123 5.42 8.35 13.18
C ARG D 123 4.61 7.33 13.94
N ASP D 124 3.53 6.86 13.31
CA ASP D 124 2.68 5.80 13.82
C ASP D 124 3.50 4.56 14.17
N ILE D 125 3.23 4.12 15.40
CA ILE D 125 3.81 2.99 16.14
C ILE D 125 4.99 3.15 17.06
MG MG E . 1.17 -40.13 -14.06
O I3A F . -3.21 -24.44 -12.89
C3' I3A F . -2.37 -24.68 -12.05
C3 I3A F . -1.96 -26.11 -11.78
C2 I3A F . -0.91 -26.39 -10.86
N I3A F . -0.83 -27.76 -10.92
C8 I3A F . -1.71 -28.29 -11.80
C9 I3A F . -2.44 -27.27 -12.40
C4 I3A F . -3.45 -27.56 -13.34
C5 I3A F . -3.68 -28.91 -13.71
C6 I3A F . -2.92 -29.95 -13.14
C7 I3A F . -1.94 -29.63 -12.17
MG MG G . -19.93 -6.42 -7.10
O I3A H . -12.89 -10.64 4.90
C3' I3A H . -13.43 -11.71 5.20
C3 I3A H . -13.36 -12.16 6.63
C2 I3A H . -14.01 -13.31 7.05
N I3A H . -13.78 -13.36 8.41
C8 I3A H . -13.01 -12.30 8.81
C9 I3A H . -12.73 -11.50 7.69
C4 I3A H . -11.97 -10.33 7.85
C5 I3A H . -11.50 -9.97 9.12
C6 I3A H . -11.77 -10.74 10.29
C7 I3A H . -12.54 -11.91 10.08
MG MG I . 23.61 -3.63 -3.15
O I3A J . 14.03 6.17 -0.77
C3' I3A J . 14.75 5.61 0.07
C3 I3A J . 14.83 4.10 0.11
C2 I3A J . 15.70 3.50 1.00
N I3A J . 15.59 2.16 0.74
C8 I3A J . 14.70 1.90 -0.27
C9 I3A J . 14.19 3.14 -0.70
C4 I3A J . 13.26 3.20 -1.73
C5 I3A J . 12.81 2.00 -2.32
C6 I3A J . 13.32 0.76 -1.92
C7 I3A J . 14.25 0.70 -0.87
MG MG K . -0.34 25.32 7.52
MG MG L . 1.23 16.55 35.99
O I3A M . 5.42 18.23 18.78
C3' I3A M . 4.75 17.20 18.93
C3 I3A M . 4.73 16.58 20.27
C2 I3A M . 3.90 15.48 20.52
N I3A M . 4.06 15.27 21.85
C8 I3A M . 4.93 16.16 22.42
C9 I3A M . 5.37 17.04 21.43
C4 I3A M . 6.28 18.05 21.75
C5 I3A M . 6.71 18.17 23.09
C6 I3A M . 6.25 17.30 24.10
C7 I3A M . 5.37 16.27 23.74
#